data_5AJJ
#
_entry.id   5AJJ
#
_cell.length_a   52.094
_cell.length_b   112.318
_cell.length_c   117.178
_cell.angle_alpha   90.00
_cell.angle_beta   90.00
_cell.angle_gamma   90.00
#
_symmetry.space_group_name_H-M   'F 2 2 2'
#
loop_
_entity.id
_entity.type
_entity.pdbx_description
1 polymer 'HOMOLOG OF VACCINIA VIRUS CDS F1L PUTATIVE'
2 polymer 'BH3-INTERACTING DOMAIN DEATH AGONIST'
3 non-polymer GLYCEROL
4 non-polymer 'ACETATE ION'
5 water water
#
loop_
_entity_poly.entity_id
_entity_poly.type
_entity_poly.pdbx_seq_one_letter_code
_entity_poly.pdbx_strand_id
1 'polypeptide(L)'
;GPLGSKASNNDDHNYVYPLPENMVYRFNKSTNILDYLSTERDHVMMAVQYYMSKQRLDDLYRQLPTKTRSYIDIINMYCD
KVNNDYNRDMNIMYDMASTESFTVYDINNEVNTMLLDNKGLGVRLATISFITELGKRCMNPVETIKMFTLLSHTICDDCF
IDYITDIS
;
A
2 'polypeptide(L)' QEDIIRNIARHLAQVGDSMDRSIPPGLVNGLALQ B
#
# COMPACT_ATOMS: atom_id res chain seq x y z
N THR A 31 -8.96 -17.75 -0.20
CA THR A 31 -9.39 -16.42 0.22
C THR A 31 -10.44 -15.84 -0.74
N ASN A 32 -11.43 -16.65 -1.10
CA ASN A 32 -12.54 -16.22 -1.95
C ASN A 32 -13.72 -15.72 -1.12
N ILE A 33 -14.21 -14.52 -1.45
CA ILE A 33 -15.27 -13.87 -0.66
C ILE A 33 -16.45 -14.80 -0.37
N LEU A 34 -16.83 -15.62 -1.34
CA LEU A 34 -17.98 -16.51 -1.19
C LEU A 34 -17.78 -17.55 -0.08
N ASP A 35 -16.54 -17.98 0.13
CA ASP A 35 -16.27 -18.99 1.15
C ASP A 35 -16.43 -18.42 2.57
N TYR A 36 -16.43 -17.09 2.66
CA TYR A 36 -16.63 -16.40 3.93
C TYR A 36 -18.09 -16.00 4.16
N LEU A 37 -18.90 -16.12 3.12
CA LEU A 37 -20.31 -15.72 3.20
C LEU A 37 -21.21 -16.94 3.06
N SER A 38 -21.15 -17.81 4.06
CA SER A 38 -21.81 -19.12 4.01
C SER A 38 -23.25 -19.06 4.55
N THR A 39 -23.45 -18.29 5.61
CA THR A 39 -24.75 -18.22 6.26
C THR A 39 -25.36 -16.84 6.09
N GLU A 40 -26.65 -16.71 6.39
CA GLU A 40 -27.28 -15.39 6.33
C GLU A 40 -26.63 -14.46 7.35
N ARG A 41 -26.30 -14.98 8.52
CA ARG A 41 -25.60 -14.16 9.51
C ARG A 41 -24.30 -13.62 8.91
N ASP A 42 -23.60 -14.42 8.11
CA ASP A 42 -22.37 -13.92 7.50
C ASP A 42 -22.65 -12.73 6.56
N HIS A 43 -23.68 -12.86 5.73
CA HIS A 43 -24.08 -11.79 4.82
C HIS A 43 -24.51 -10.55 5.57
N VAL A 44 -25.35 -10.71 6.57
CA VAL A 44 -25.82 -9.52 7.26
C VAL A 44 -24.69 -8.84 8.04
N MET A 45 -23.82 -9.62 8.69
CA MET A 45 -22.73 -9.02 9.43
C MET A 45 -21.77 -8.28 8.47
N MET A 46 -21.53 -8.86 7.29
CA MET A 46 -20.71 -8.18 6.27
C MET A 46 -21.34 -6.85 5.89
N ALA A 47 -22.66 -6.86 5.72
CA ALA A 47 -23.35 -5.65 5.30
C ALA A 47 -23.27 -4.59 6.39
N VAL A 48 -23.41 -4.99 7.64
CA VAL A 48 -23.36 -3.98 8.68
C VAL A 48 -21.94 -3.41 8.80
N GLN A 49 -20.93 -4.28 8.73
CA GLN A 49 -19.54 -3.85 8.90
C GLN A 49 -19.17 -2.93 7.71
N TYR A 50 -19.62 -3.26 6.51
CA TYR A 50 -19.38 -2.39 5.36
C TYR A 50 -20.02 -1.04 5.54
N TYR A 51 -21.30 -1.02 5.95
CA TYR A 51 -21.99 0.23 6.20
C TYR A 51 -21.21 1.09 7.18
N MET A 52 -20.81 0.52 8.32
CA MET A 52 -20.15 1.33 9.30
C MET A 52 -18.84 1.91 8.75
N SER A 53 -18.07 1.08 8.07
CA SER A 53 -16.74 1.49 7.61
C SER A 53 -16.85 2.51 6.47
N LYS A 54 -17.83 2.31 5.61
CA LYS A 54 -18.02 3.19 4.44
C LYS A 54 -18.49 4.55 4.92
N GLN A 55 -19.47 4.56 5.80
CA GLN A 55 -19.93 5.81 6.41
C GLN A 55 -18.79 6.54 7.07
N ARG A 56 -17.96 5.80 7.83
CA ARG A 56 -16.87 6.46 8.50
C ARG A 56 -15.87 7.07 7.50
N LEU A 57 -15.51 6.34 6.47
CA LEU A 57 -14.51 6.82 5.51
C LEU A 57 -15.04 8.01 4.72
N ASP A 58 -16.31 7.98 4.35
CA ASP A 58 -16.89 9.10 3.61
C ASP A 58 -16.86 10.35 4.48
N ASP A 59 -17.20 10.18 5.75
CA ASP A 59 -17.26 11.33 6.66
C ASP A 59 -15.87 11.88 6.91
N LEU A 60 -14.90 10.98 7.11
CA LEU A 60 -13.52 11.41 7.30
C LEU A 60 -13.07 12.30 6.13
N TYR A 61 -13.28 11.85 4.90
CA TYR A 61 -12.86 12.61 3.74
C TYR A 61 -13.53 13.98 3.72
N ARG A 62 -14.83 14.00 4.04
CA ARG A 62 -15.60 15.25 4.08
C ARG A 62 -14.97 16.23 5.06
N GLN A 63 -14.32 15.71 6.11
CA GLN A 63 -13.71 16.56 7.13
C GLN A 63 -12.26 16.94 6.87
N LEU A 64 -11.59 16.24 5.93
CA LEU A 64 -10.17 16.47 5.72
C LEU A 64 -9.84 17.83 5.13
N PRO A 65 -8.78 18.48 5.64
CA PRO A 65 -8.20 19.70 5.05
C PRO A 65 -7.82 19.53 3.58
N THR A 66 -7.83 20.62 2.82
CA THR A 66 -7.45 20.56 1.42
C THR A 66 -6.06 19.93 1.23
N LYS A 67 -5.12 20.29 2.09
CA LYS A 67 -3.78 19.73 2.02
C LYS A 67 -3.80 18.22 2.03
N THR A 68 -4.50 17.64 2.98
CA THR A 68 -4.56 16.17 3.08
C THR A 68 -5.20 15.56 1.85
N ARG A 69 -6.25 16.21 1.33
CA ARG A 69 -6.91 15.75 0.12
C ARG A 69 -5.95 15.78 -1.09
N SER A 70 -5.11 16.81 -1.14
CA SER A 70 -4.12 16.93 -2.22
CA SER A 70 -4.10 16.93 -2.20
C SER A 70 -3.11 15.79 -2.14
N TYR A 71 -2.73 15.40 -0.91
CA TYR A 71 -1.81 14.30 -0.72
C TYR A 71 -2.48 13.00 -1.14
N ILE A 72 -3.76 12.81 -0.78
CA ILE A 72 -4.45 11.59 -1.22
C ILE A 72 -4.44 11.49 -2.77
N ASP A 73 -4.67 12.62 -3.45
CA ASP A 73 -4.72 12.60 -4.91
C ASP A 73 -3.36 12.21 -5.49
N ILE A 74 -2.28 12.73 -4.89
CA ILE A 74 -0.93 12.40 -5.34
C ILE A 74 -0.65 10.91 -5.17
N ILE A 75 -0.97 10.36 -4.00
CA ILE A 75 -0.76 8.94 -3.75
C ILE A 75 -1.58 8.13 -4.74
N ASN A 76 -2.81 8.53 -4.98
CA ASN A 76 -3.63 7.86 -5.96
C ASN A 76 -3.00 7.85 -7.35
N MET A 77 -2.56 9.01 -7.81
CA MET A 77 -2.00 9.10 -9.16
C MET A 77 -0.67 8.39 -9.29
N TYR A 78 0.17 8.50 -8.29
CA TYR A 78 1.49 7.88 -8.40
C TYR A 78 1.45 6.37 -8.21
N CYS A 79 0.58 5.88 -7.32
CA CYS A 79 0.43 4.43 -7.16
C CYS A 79 -0.25 3.84 -8.41
N ASP A 80 -1.18 4.57 -8.99
CA ASP A 80 -1.74 4.11 -10.28
C ASP A 80 -0.65 3.97 -11.37
N LYS A 81 0.32 4.89 -11.40
CA LYS A 81 1.41 4.78 -12.35
C LYS A 81 2.26 3.55 -12.09
N VAL A 82 2.59 3.28 -10.83
CA VAL A 82 3.35 2.08 -10.52
C VAL A 82 2.59 0.84 -10.95
N ASN A 83 1.29 0.83 -10.66
CA ASN A 83 0.46 -0.33 -10.94
C ASN A 83 0.36 -0.56 -12.43
N ASN A 84 0.32 0.54 -13.17
CA ASN A 84 0.27 0.50 -14.64
C ASN A 84 1.62 0.07 -15.23
N ASP A 85 2.64 0.84 -14.93
CA ASP A 85 3.94 0.68 -15.55
C ASP A 85 4.66 -0.60 -15.18
N TYR A 86 4.28 -1.17 -14.04
CA TYR A 86 4.94 -2.37 -13.52
C TYR A 86 3.91 -3.45 -13.18
N ASN A 87 2.83 -3.50 -13.96
CA ASN A 87 1.73 -4.44 -13.72
C ASN A 87 2.19 -5.89 -13.50
N ARG A 88 3.01 -6.38 -14.43
CA ARG A 88 3.43 -7.78 -14.39
C ARG A 88 4.31 -8.04 -13.16
N ASP A 89 5.10 -7.04 -12.77
CA ASP A 89 5.94 -7.16 -11.57
C ASP A 89 5.10 -7.23 -10.32
N MET A 90 4.15 -6.32 -10.20
CA MET A 90 3.32 -6.25 -9.01
C MET A 90 2.51 -7.53 -8.87
N ASN A 91 1.97 -8.00 -9.99
CA ASN A 91 1.15 -9.22 -9.98
C ASN A 91 1.92 -10.41 -9.50
N ILE A 92 3.19 -10.47 -9.90
CA ILE A 92 4.05 -11.56 -9.48
C ILE A 92 4.20 -11.53 -7.97
N MET A 93 4.39 -10.34 -7.42
CA MET A 93 4.60 -10.20 -5.99
C MET A 93 3.36 -10.62 -5.22
N TYR A 94 2.19 -10.33 -5.78
CA TYR A 94 0.94 -10.72 -5.16
C TYR A 94 0.83 -12.24 -5.14
N ASP A 95 1.07 -12.85 -6.29
CA ASP A 95 0.89 -14.29 -6.43
C ASP A 95 1.90 -15.07 -5.62
N MET A 96 3.03 -14.43 -5.27
CA MET A 96 4.01 -15.09 -4.43
C MET A 96 3.59 -15.03 -2.97
N ALA A 97 3.02 -13.89 -2.58
CA ALA A 97 2.51 -13.73 -1.23
C ALA A 97 1.38 -14.74 -0.99
N SER A 98 0.69 -15.11 -2.06
CA SER A 98 -0.36 -16.13 -1.97
C SER A 98 0.23 -17.48 -1.59
N THR A 99 1.35 -17.84 -2.21
CA THR A 99 1.91 -19.19 -2.06
C THR A 99 2.42 -19.46 -0.65
N GLU A 100 2.98 -18.44 -0.01
CA GLU A 100 3.58 -18.62 1.31
C GLU A 100 2.76 -17.91 2.37
N SER A 101 2.90 -18.40 3.61
CA SER A 101 2.29 -17.75 4.76
C SER A 101 3.36 -16.97 5.51
N PHE A 102 3.03 -15.74 5.90
CA PHE A 102 3.95 -14.91 6.68
C PHE A 102 3.16 -13.88 7.48
N THR A 103 3.80 -13.27 8.47
CA THR A 103 3.09 -12.37 9.39
C THR A 103 3.14 -10.93 8.91
N VAL A 104 2.25 -10.12 9.46
CA VAL A 104 2.28 -8.68 9.18
C VAL A 104 3.58 -8.14 9.78
N TYR A 105 4.01 -8.69 10.92
CA TYR A 105 5.21 -8.19 11.58
C TYR A 105 6.43 -8.27 10.71
N ASP A 106 6.55 -9.38 10.00
CA ASP A 106 7.79 -9.64 9.32
C ASP A 106 7.71 -8.98 7.93
N ILE A 107 6.51 -8.85 7.34
CA ILE A 107 6.33 -7.94 6.20
C ILE A 107 6.82 -6.55 6.59
N ASN A 108 6.35 -6.05 7.71
CA ASN A 108 6.73 -4.73 8.16
C ASN A 108 8.24 -4.56 8.31
N ASN A 109 8.85 -5.54 8.97
CA ASN A 109 10.27 -5.41 9.26
C ASN A 109 11.08 -5.51 7.96
N GLU A 110 10.64 -6.36 7.03
CA GLU A 110 11.28 -6.47 5.71
C GLU A 110 11.19 -5.15 4.93
N VAL A 111 10.06 -4.47 5.06
CA VAL A 111 9.90 -3.16 4.41
C VAL A 111 10.79 -2.12 5.08
N ASN A 112 10.82 -2.10 6.41
CA ASN A 112 11.60 -1.07 7.10
C ASN A 112 13.05 -1.20 6.71
N THR A 113 13.51 -2.44 6.53
CA THR A 113 14.90 -2.64 6.15
C THR A 113 15.20 -2.05 4.77
N MET A 114 14.30 -2.25 3.85
CA MET A 114 14.49 -1.69 2.50
C MET A 114 14.50 -0.17 2.51
N LEU A 115 13.60 0.42 3.27
CA LEU A 115 13.45 1.86 3.25
C LEU A 115 14.57 2.53 4.00
N LEU A 116 15.29 1.77 4.82
CA LEU A 116 16.48 2.31 5.46
C LEU A 116 17.60 2.65 4.51
N ASP A 117 17.89 1.75 3.57
CA ASP A 117 19.00 1.99 2.68
C ASP A 117 18.56 2.32 1.26
N ASN A 118 17.25 2.42 1.03
CA ASN A 118 16.75 2.86 -0.27
C ASN A 118 15.87 4.07 -0.07
N LYS A 119 16.35 5.24 -0.50
CA LYS A 119 15.67 6.49 -0.19
C LYS A 119 14.94 6.99 -1.42
N GLY A 120 14.55 6.06 -2.29
CA GLY A 120 13.85 6.43 -3.51
C GLY A 120 12.37 6.71 -3.27
N LEU A 121 11.72 7.34 -4.22
CA LEU A 121 10.28 7.57 -4.11
C LEU A 121 9.56 6.29 -4.49
N GLY A 122 9.98 5.71 -5.62
CA GLY A 122 9.35 4.53 -6.19
C GLY A 122 9.08 3.39 -5.23
N VAL A 123 10.07 3.08 -4.40
CA VAL A 123 9.91 1.92 -3.54
C VAL A 123 8.82 2.14 -2.51
N ARG A 124 8.65 3.40 -2.08
CA ARG A 124 7.62 3.73 -1.15
C ARG A 124 6.26 3.59 -1.81
N LEU A 125 6.12 4.10 -3.05
CA LEU A 125 4.86 3.94 -3.77
C LEU A 125 4.51 2.48 -4.04
N ALA A 126 5.49 1.71 -4.49
CA ALA A 126 5.28 0.29 -4.74
C ALA A 126 4.85 -0.46 -3.48
N THR A 127 5.45 -0.13 -2.35
CA THR A 127 5.07 -0.76 -1.07
C THR A 127 3.62 -0.42 -0.71
N ILE A 128 3.19 0.82 -0.93
CA ILE A 128 1.80 1.19 -0.67
C ILE A 128 0.89 0.32 -1.52
N SER A 129 1.20 0.18 -2.81
CA SER A 129 0.38 -0.63 -3.71
CA SER A 129 0.35 -0.62 -3.68
C SER A 129 0.31 -2.08 -3.22
N PHE A 130 1.47 -2.60 -2.84
CA PHE A 130 1.56 -3.98 -2.40
C PHE A 130 0.76 -4.24 -1.12
N ILE A 131 0.91 -3.37 -0.13
CA ILE A 131 0.19 -3.52 1.14
C ILE A 131 -1.31 -3.35 0.90
N THR A 132 -1.65 -2.42 0.03
CA THR A 132 -3.06 -2.22 -0.33
C THR A 132 -3.67 -3.50 -0.93
N GLU A 133 -2.96 -4.13 -1.86
CA GLU A 133 -3.41 -5.41 -2.43
C GLU A 133 -3.55 -6.49 -1.37
N LEU A 134 -2.57 -6.57 -0.47
CA LEU A 134 -2.63 -7.55 0.59
C LEU A 134 -3.90 -7.36 1.40
N GLY A 135 -4.24 -6.11 1.67
CA GLY A 135 -5.47 -5.79 2.38
C GLY A 135 -6.72 -6.23 1.64
N LYS A 136 -6.72 -6.10 0.32
CA LYS A 136 -7.87 -6.50 -0.50
C LYS A 136 -8.08 -8.01 -0.42
N ARG A 137 -6.99 -8.73 -0.17
CA ARG A 137 -7.01 -10.18 -0.07
C ARG A 137 -7.17 -10.70 1.36
N CYS A 138 -7.36 -9.79 2.30
CA CYS A 138 -7.53 -10.20 3.70
C CYS A 138 -8.95 -9.99 4.15
N MET A 139 -9.57 -11.04 4.69
CA MET A 139 -10.97 -10.97 5.08
C MET A 139 -11.16 -10.65 6.57
N ASN A 140 -10.05 -10.52 7.30
CA ASN A 140 -10.10 -10.13 8.71
C ASN A 140 -9.94 -8.62 8.84
N PRO A 141 -11.04 -7.91 9.17
CA PRO A 141 -10.98 -6.43 9.14
C PRO A 141 -10.07 -5.81 10.18
N VAL A 142 -10.01 -6.40 11.36
CA VAL A 142 -9.12 -5.89 12.40
C VAL A 142 -7.66 -6.10 12.02
N GLU A 143 -7.32 -7.29 11.53
CA GLU A 143 -5.94 -7.54 11.11
C GLU A 143 -5.57 -6.67 9.94
N THR A 144 -6.53 -6.43 9.05
CA THR A 144 -6.28 -5.54 7.93
C THR A 144 -5.94 -4.12 8.36
N ILE A 145 -6.72 -3.53 9.25
CA ILE A 145 -6.46 -2.15 9.66
C ILE A 145 -5.16 -2.09 10.46
N LYS A 146 -4.89 -3.14 11.22
CA LYS A 146 -3.63 -3.19 11.97
C LYS A 146 -2.48 -3.14 10.98
N MET A 147 -2.57 -3.94 9.93
CA MET A 147 -1.51 -3.90 8.89
C MET A 147 -1.39 -2.54 8.25
N PHE A 148 -2.50 -1.96 7.82
CA PHE A 148 -2.46 -0.65 7.17
C PHE A 148 -1.83 0.37 8.10
N THR A 149 -2.17 0.28 9.39
CA THR A 149 -1.74 1.29 10.33
C THR A 149 -0.24 1.17 10.58
N LEU A 150 0.22 -0.05 10.84
CA LEU A 150 1.64 -0.29 11.06
C LEU A 150 2.45 0.10 9.84
N LEU A 151 2.06 -0.42 8.69
CA LEU A 151 2.86 -0.20 7.49
C LEU A 151 2.82 1.27 7.07
N SER A 152 1.69 1.97 7.29
CA SER A 152 1.69 3.41 6.99
C SER A 152 2.75 4.17 7.83
N HIS A 153 2.97 3.78 9.08
CA HIS A 153 4.01 4.38 9.94
C HIS A 153 5.37 4.15 9.33
N THR A 154 5.59 2.93 8.84
CA THR A 154 6.87 2.55 8.29
C THR A 154 7.16 3.26 6.99
N ILE A 155 6.13 3.36 6.15
CA ILE A 155 6.26 3.98 4.81
C ILE A 155 6.46 5.48 4.89
N CYS A 156 5.80 6.12 5.84
CA CYS A 156 5.84 7.57 5.96
C CYS A 156 7.03 8.04 6.77
N ASP A 157 8.24 7.77 6.27
CA ASP A 157 9.44 8.28 6.90
C ASP A 157 9.73 9.69 6.39
N ASP A 158 10.78 10.32 6.93
CA ASP A 158 11.08 11.71 6.57
C ASP A 158 11.28 11.83 5.07
N CYS A 159 11.85 10.79 4.51
CA CYS A 159 12.11 10.70 3.07
C CYS A 159 10.82 10.83 2.26
N PHE A 160 9.84 10.03 2.64
CA PHE A 160 8.55 10.04 1.91
C PHE A 160 7.85 11.38 2.07
N ILE A 161 7.85 11.91 3.29
CA ILE A 161 7.21 13.19 3.54
C ILE A 161 7.84 14.27 2.67
N ASP A 162 9.18 14.27 2.54
CA ASP A 162 9.86 15.25 1.71
C ASP A 162 9.42 15.16 0.25
N TYR A 163 9.31 13.95 -0.28
CA TYR A 163 8.82 13.77 -1.63
C TYR A 163 7.40 14.29 -1.81
N ILE A 164 6.50 13.88 -0.92
CA ILE A 164 5.12 14.24 -1.07
C ILE A 164 4.94 15.74 -1.00
N THR A 165 5.60 16.39 -0.06
CA THR A 165 5.49 17.83 0.02
C THR A 165 6.15 18.48 -1.21
N ASP A 166 7.18 17.86 -1.79
CA ASP A 166 7.84 18.46 -2.97
C ASP A 166 6.92 18.41 -4.18
N ILE A 167 6.31 17.25 -4.37
CA ILE A 167 5.45 17.04 -5.51
C ILE A 167 4.15 17.85 -5.43
N SER A 168 3.61 18.00 -4.22
CA SER A 168 2.30 18.61 -4.05
C SER A 168 2.19 20.08 -4.48
N ASP B 3 13.82 -15.17 3.46
CA ASP B 3 12.73 -16.00 2.98
C ASP B 3 12.03 -15.30 1.81
N ILE B 4 10.80 -15.71 1.54
CA ILE B 4 10.00 -15.12 0.47
C ILE B 4 9.78 -13.62 0.71
N ILE B 5 9.49 -13.28 1.96
CA ILE B 5 9.19 -11.89 2.33
C ILE B 5 10.36 -11.01 1.89
N ARG B 6 11.57 -11.44 2.20
CA ARG B 6 12.79 -10.74 1.78
C ARG B 6 12.83 -10.58 0.27
N ASN B 7 12.49 -11.65 -0.45
CA ASN B 7 12.49 -11.60 -1.92
C ASN B 7 11.51 -10.55 -2.46
N ILE B 8 10.31 -10.55 -1.91
CA ILE B 8 9.30 -9.58 -2.31
C ILE B 8 9.79 -8.15 -2.04
N ALA B 9 10.34 -7.94 -0.85
CA ALA B 9 10.77 -6.61 -0.47
C ALA B 9 11.84 -6.14 -1.44
N ARG B 10 12.77 -7.04 -1.78
CA ARG B 10 13.81 -6.73 -2.76
C ARG B 10 13.20 -6.39 -4.11
N HIS B 11 12.12 -7.09 -4.46
CA HIS B 11 11.40 -6.87 -5.72
C HIS B 11 10.79 -5.46 -5.71
N LEU B 12 10.18 -5.10 -4.59
CA LEU B 12 9.61 -3.76 -4.43
C LEU B 12 10.64 -2.64 -4.63
N ALA B 13 11.84 -2.83 -4.09
CA ALA B 13 12.89 -1.81 -4.24
C ALA B 13 13.37 -1.73 -5.69
N GLN B 14 13.46 -2.88 -6.35
CA GLN B 14 13.87 -2.89 -7.77
C GLN B 14 12.85 -2.18 -8.65
N VAL B 15 11.57 -2.45 -8.44
CA VAL B 15 10.47 -1.78 -9.17
C VAL B 15 10.49 -0.28 -8.88
N GLY B 16 10.64 0.05 -7.60
CA GLY B 16 10.69 1.43 -7.16
C GLY B 16 11.83 2.19 -7.80
N ASP B 17 13.03 1.61 -7.79
CA ASP B 17 14.20 2.28 -8.34
C ASP B 17 14.05 2.46 -9.85
N SER B 18 13.50 1.46 -10.53
CA SER B 18 13.30 1.60 -11.97
C SER B 18 12.27 2.69 -12.26
N MET B 19 11.22 2.83 -11.43
CA MET B 19 10.29 3.92 -11.65
C MET B 19 10.97 5.28 -11.43
N ASP B 20 11.79 5.36 -10.41
CA ASP B 20 12.57 6.58 -10.14
C ASP B 20 13.43 6.96 -11.32
N ARG B 21 14.06 5.96 -11.94
CA ARG B 21 15.00 6.25 -13.02
C ARG B 21 14.26 6.66 -14.30
N SER B 22 12.98 6.34 -14.37
CA SER B 22 12.20 6.69 -15.57
C SER B 22 11.71 8.14 -15.53
N ILE B 23 11.74 8.75 -14.36
CA ILE B 23 11.41 10.17 -14.22
C ILE B 23 12.62 10.97 -14.67
N PRO B 24 12.42 11.93 -15.60
CA PRO B 24 13.54 12.76 -16.03
C PRO B 24 14.25 13.42 -14.84
N PRO B 25 15.59 13.34 -14.80
CA PRO B 25 16.31 13.90 -13.65
C PRO B 25 15.97 15.38 -13.40
N GLY B 26 16.02 15.80 -12.13
CA GLY B 26 15.78 17.19 -11.76
C GLY B 26 14.34 17.55 -11.40
N LEU B 27 13.37 16.80 -11.93
CA LEU B 27 11.95 17.15 -11.80
C LEU B 27 11.41 16.90 -10.39
N VAL B 28 12.06 15.99 -9.68
CA VAL B 28 11.71 15.67 -8.29
C VAL B 28 12.98 15.78 -7.46
N ASN B 29 13.01 16.70 -6.49
CA ASN B 29 14.20 16.84 -5.66
C ASN B 29 14.47 15.54 -4.95
N GLY B 30 15.74 15.15 -4.90
CA GLY B 30 16.13 13.94 -4.18
C GLY B 30 16.30 12.74 -5.10
N LEU B 31 15.62 12.79 -6.24
CA LEU B 31 15.78 11.76 -7.26
C LEU B 31 16.91 12.14 -8.20
#